data_8VY0
#
_entry.id   8VY0
#
_cell.length_a   37.254
_cell.length_b   184.109
_cell.length_c   108.562
_cell.angle_alpha   90.000
_cell.angle_beta   90.000
_cell.angle_gamma   90.000
#
_symmetry.space_group_name_H-M   'C 2 2 21'
#
loop_
_entity.id
_entity.type
_entity.pdbx_description
1 polymer 'Chains: A,B,C'
2 non-polymer 'POTASSIUM ION'
3 non-polymer 2-[(E)-(1-methylquinolin-4(1H)-ylidene)methyl]-3-[2-oxo-2-({[(2P)-2-(1H-pyrazol-1-yl)phenyl]methyl}amino)ethyl]-1,3-benzothiazol-3-ium
4 water water
#
_entity_poly.entity_id   1
_entity_poly.type   'polyribonucleotide'
_entity_poly.pdbx_seq_one_letter_code
;GCGUACGAAGGAGAGGAGAGGAAGAGGAGAGUACGC
;
_entity_poly.pdbx_strand_id   A,B,C
#